data_1XQ9
#
_entry.id   1XQ9
#
_cell.length_a   121.241
_cell.length_b   71.516
_cell.length_c   74.883
_cell.angle_alpha   90.00
_cell.angle_beta   113.79
_cell.angle_gamma   90.00
#
_symmetry.space_group_name_H-M   'C 1 2 1'
#
loop_
_entity.id
_entity.type
_entity.pdbx_description
1 polymer 'phosphoglycerate mutase'
2 non-polymer 'THIOCYANATE ION'
3 water water
#
_entity_poly.entity_id   1
_entity_poly.type   'polypeptide(L)'
_entity_poly.pdbx_seq_one_letter_code
;MAHHHHHHMTTYTLVLLRHGESTWNKENKFTGWTDVPLSEKGEEEAIAAGKYLKEKNFKFDVVYTSVLKRAICTAWNVLK
TADLLHVPVVKTWRLNERHYGSLQGLNKSETAKKYGEEQVKIWRRSYDIPPPKLDKEDNRWPGHNVVYKNVPKDALPFTE
CLKDTVERVLPFWFDHIAPDILANKKVMVAAHGNSLRGLVKHLDNLSEADVLELNIPTGVPLVYELDENLKPIKHYYLLD
SEELKKKMDEVANQGKAK
;
_entity_poly.pdbx_strand_id   A,B
#
loop_
_chem_comp.id
_chem_comp.type
_chem_comp.name
_chem_comp.formula
SCN non-polymer 'THIOCYANATE ION' 'C N S -1'
#
# COMPACT_ATOMS: atom_id res chain seq x y z
N MET A 9 -14.81 27.34 -15.62
CA MET A 9 -14.99 27.67 -14.15
C MET A 9 -14.31 26.68 -13.19
N THR A 10 -14.12 25.43 -13.64
CA THR A 10 -13.57 24.34 -12.81
C THR A 10 -12.53 23.44 -13.50
N THR A 11 -11.50 23.09 -12.72
CA THR A 11 -10.26 22.50 -13.18
C THR A 11 -9.97 21.27 -12.34
N TYR A 12 -9.50 20.20 -12.96
CA TYR A 12 -9.08 19.02 -12.23
C TYR A 12 -7.58 18.91 -12.34
N THR A 13 -6.95 18.28 -11.34
CA THR A 13 -5.52 17.98 -11.39
C THR A 13 -5.20 16.49 -11.26
N LEU A 14 -4.58 15.94 -12.30
CA LEU A 14 -4.08 14.57 -12.35
C LEU A 14 -2.53 14.59 -12.35
N VAL A 15 -1.92 13.68 -11.58
CA VAL A 15 -0.46 13.47 -11.57
C VAL A 15 -0.01 12.11 -12.11
N LEU A 16 0.64 12.08 -13.29
CA LEU A 16 1.30 10.81 -13.76
C LEU A 16 2.77 10.78 -13.34
N LEU A 17 3.25 9.61 -12.86
CA LEU A 17 4.61 9.44 -12.31
C LEU A 17 5.16 8.13 -12.84
N ARG A 18 6.24 8.24 -13.61
CA ARG A 18 6.90 7.05 -14.10
C ARG A 18 7.78 6.54 -12.98
N HIS A 19 8.20 5.28 -13.03
CA HIS A 19 9.08 4.82 -11.96
C HIS A 19 10.54 5.09 -12.32
N GLY A 20 11.35 5.26 -11.28
CA GLY A 20 12.75 5.57 -11.44
C GLY A 20 13.50 4.36 -11.92
N GLU A 21 14.80 4.51 -12.14
CA GLU A 21 15.66 3.45 -12.64
C GLU A 21 15.47 2.16 -11.85
N SER A 22 15.71 1.03 -12.50
CA SER A 22 15.62 -0.27 -11.83
C SER A 22 16.96 -1.01 -11.94
N THR A 23 17.04 -2.19 -11.33
CA THR A 23 18.24 -2.99 -11.42
C THR A 23 18.61 -3.32 -12.88
N TRP A 24 17.62 -3.56 -13.73
CA TRP A 24 17.92 -3.99 -15.10
C TRP A 24 18.40 -2.89 -16.06
N ASN A 25 18.08 -1.64 -15.75
CA ASN A 25 18.52 -0.52 -16.59
C ASN A 25 20.02 -0.50 -16.85
N LYS A 26 20.80 -0.84 -15.83
CA LYS A 26 22.24 -0.96 -16.01
C LYS A 26 22.64 -2.41 -16.30
N GLU A 27 21.90 -3.06 -17.21
CA GLU A 27 22.17 -4.47 -17.59
C GLU A 27 21.79 -4.82 -19.03
N ASN A 28 20.86 -4.06 -19.59
CA ASN A 28 20.46 -4.20 -20.99
C ASN A 28 19.63 -5.43 -21.38
N LYS A 29 19.04 -6.10 -20.39
CA LYS A 29 18.05 -7.13 -20.64
C LYS A 29 16.69 -6.45 -20.89
N PHE A 30 15.93 -6.95 -21.85
CA PHE A 30 14.48 -6.65 -21.97
C PHE A 30 13.75 -7.14 -20.73
N THR A 31 12.98 -6.24 -20.10
CA THR A 31 12.37 -6.51 -18.82
C THR A 31 10.86 -6.77 -18.86
N GLY A 32 10.08 -5.91 -19.54
CA GLY A 32 8.60 -6.07 -19.62
C GLY A 32 7.90 -6.29 -18.29
N TRP A 33 7.24 -7.44 -18.17
CA TRP A 33 6.53 -7.82 -16.94
C TRP A 33 7.42 -8.51 -15.90
N THR A 34 8.74 -8.61 -16.13
CA THR A 34 9.66 -9.25 -15.17
C THR A 34 9.79 -8.41 -13.92
N ASP A 35 9.64 -9.03 -12.75
CA ASP A 35 9.41 -8.22 -11.58
C ASP A 35 10.67 -7.68 -10.90
N VAL A 36 11.41 -6.77 -11.56
CA VAL A 36 12.67 -6.29 -10.99
C VAL A 36 12.43 -5.12 -10.04
N PRO A 37 13.21 -5.08 -8.96
CA PRO A 37 13.15 -3.99 -7.96
C PRO A 37 13.74 -2.70 -8.50
N LEU A 38 13.41 -1.58 -7.85
CA LEU A 38 14.16 -0.36 -8.06
C LEU A 38 15.68 -0.54 -7.71
N SER A 39 16.54 0.33 -8.22
CA SER A 39 17.93 0.37 -7.76
C SER A 39 18.07 1.48 -6.72
N GLU A 40 19.23 1.52 -6.05
CA GLU A 40 19.50 2.62 -5.12
C GLU A 40 19.01 3.93 -5.75
N LYS A 41 19.43 4.20 -6.98
CA LYS A 41 19.11 5.47 -7.64
C LYS A 41 17.59 5.72 -7.87
N GLY A 42 16.85 4.70 -8.32
CA GLY A 42 15.38 4.84 -8.53
C GLY A 42 14.58 5.02 -7.25
N GLU A 43 15.13 4.54 -6.14
CA GLU A 43 14.57 4.78 -4.84
C GLU A 43 14.73 6.27 -4.54
N GLU A 44 15.90 6.81 -4.85
CA GLU A 44 16.17 8.24 -4.67
C GLU A 44 15.24 9.08 -5.52
N GLU A 45 14.92 8.63 -6.73
CA GLU A 45 14.01 9.35 -7.63
C GLU A 45 12.58 9.48 -7.08
N ALA A 46 12.06 8.42 -6.47
CA ALA A 46 10.72 8.46 -5.92
C ALA A 46 10.61 9.28 -4.62
N ILE A 47 11.65 9.26 -3.77
CA ILE A 47 11.65 10.09 -2.59
C ILE A 47 11.67 11.54 -3.06
N ALA A 48 12.58 11.87 -3.98
CA ALA A 48 12.69 13.25 -4.49
C ALA A 48 11.34 13.74 -5.03
N ALA A 49 10.77 12.98 -5.95
CA ALA A 49 9.47 13.29 -6.52
C ALA A 49 8.51 13.61 -5.42
N GLY A 50 8.37 12.70 -4.46
CA GLY A 50 7.56 12.89 -3.25
C GLY A 50 7.83 14.21 -2.53
N LYS A 51 9.13 14.52 -2.35
CA LYS A 51 9.63 15.78 -1.76
C LYS A 51 9.14 17.02 -2.49
N TYR A 52 9.15 16.95 -3.81
CA TYR A 52 8.71 18.05 -4.63
C TYR A 52 7.20 18.19 -4.50
N LEU A 53 6.50 17.05 -4.50
CA LEU A 53 5.06 17.07 -4.40
C LEU A 53 4.66 17.73 -3.07
N LYS A 54 5.31 17.31 -1.98
CA LYS A 54 5.07 17.85 -0.64
C LYS A 54 5.28 19.37 -0.63
N GLU A 55 6.42 19.81 -1.17
CA GLU A 55 6.81 21.21 -1.11
C GLU A 55 5.88 22.11 -1.88
N LYS A 56 5.22 21.57 -2.91
CA LYS A 56 4.36 22.36 -3.81
C LYS A 56 2.92 22.20 -3.42
N ASN A 57 2.69 21.35 -2.41
CA ASN A 57 1.39 21.17 -1.76
C ASN A 57 0.37 20.38 -2.58
N PHE A 58 0.82 19.34 -3.27
CA PHE A 58 -0.08 18.36 -3.92
C PHE A 58 -0.55 17.29 -2.94
N LYS A 59 -1.87 17.17 -2.78
CA LYS A 59 -2.50 16.12 -1.97
C LYS A 59 -3.15 15.09 -2.89
N PHE A 60 -3.21 13.82 -2.42
CA PHE A 60 -3.88 12.72 -3.15
C PHE A 60 -5.02 12.08 -2.33
N ASP A 61 -6.10 11.67 -2.99
CA ASP A 61 -7.18 10.85 -2.42
C ASP A 61 -7.01 9.37 -2.82
N VAL A 62 -6.42 9.09 -3.98
CA VAL A 62 -6.21 7.72 -4.48
C VAL A 62 -4.89 7.62 -5.25
N VAL A 63 -4.21 6.50 -5.10
CA VAL A 63 -3.07 6.23 -5.94
C VAL A 63 -3.36 4.93 -6.67
N TYR A 64 -3.21 4.97 -7.98
CA TYR A 64 -3.34 3.79 -8.82
C TYR A 64 -1.95 3.33 -9.24
N THR A 65 -1.69 2.03 -9.23
CA THR A 65 -0.39 1.53 -9.70
C THR A 65 -0.47 0.14 -10.41
N SER A 66 0.66 -0.31 -10.93
CA SER A 66 0.66 -1.59 -11.60
C SER A 66 0.75 -2.59 -10.49
N VAL A 67 0.96 -3.85 -10.85
CA VAL A 67 1.23 -4.83 -9.79
C VAL A 67 2.73 -5.18 -9.83
N LEU A 68 3.51 -4.40 -10.57
CA LEU A 68 4.95 -4.63 -10.64
C LEU A 68 5.69 -3.81 -9.58
N LYS A 69 6.41 -4.52 -8.72
CA LYS A 69 7.16 -3.99 -7.58
C LYS A 69 7.80 -2.62 -7.77
N ARG A 70 8.32 -2.36 -8.96
CA ARG A 70 9.09 -1.16 -9.16
C ARG A 70 8.22 0.06 -9.16
N ALA A 71 6.93 -0.09 -9.43
CA ALA A 71 6.03 1.06 -9.40
C ALA A 71 5.39 1.20 -8.03
N ILE A 72 4.97 0.07 -7.47
CA ILE A 72 4.52 0.00 -6.08
C ILE A 72 5.52 0.69 -5.11
N CYS A 73 6.82 0.38 -5.16
CA CYS A 73 7.78 1.10 -4.28
C CYS A 73 7.83 2.61 -4.52
N THR A 74 7.65 3.00 -5.79
CA THR A 74 7.57 4.39 -6.19
C THR A 74 6.40 5.11 -5.52
N ALA A 75 5.19 4.60 -5.73
CA ALA A 75 4.00 5.15 -5.06
C ALA A 75 4.27 5.25 -3.57
N TRP A 76 4.80 4.16 -3.00
CA TRP A 76 4.99 4.06 -1.57
C TRP A 76 5.99 5.10 -1.05
N ASN A 77 7.12 5.25 -1.72
CA ASN A 77 8.12 6.23 -1.30
C ASN A 77 7.64 7.63 -1.41
N VAL A 78 6.74 7.90 -2.37
CA VAL A 78 6.16 9.24 -2.54
C VAL A 78 5.26 9.53 -1.35
N LEU A 79 4.39 8.56 -1.05
CA LEU A 79 3.43 8.77 0.01
C LEU A 79 4.13 8.94 1.36
N LYS A 80 5.19 8.16 1.59
CA LYS A 80 5.93 8.23 2.86
C LYS A 80 6.52 9.63 3.01
N THR A 81 7.27 10.03 2.01
CA THR A 81 7.89 11.33 1.99
C THR A 81 6.83 12.45 2.15
N ALA A 82 5.72 12.33 1.44
CA ALA A 82 4.66 13.35 1.44
C ALA A 82 3.67 13.21 2.62
N ASP A 83 3.86 12.19 3.47
CA ASP A 83 3.03 12.00 4.66
C ASP A 83 1.58 11.75 4.30
N LEU A 84 1.38 10.79 3.40
CA LEU A 84 0.06 10.44 2.98
C LEU A 84 -0.07 8.93 2.95
N LEU A 85 0.55 8.26 3.93
CA LEU A 85 0.58 6.80 3.95
C LEU A 85 -0.80 6.20 4.11
N HIS A 86 -1.72 7.02 4.58
CA HIS A 86 -3.10 6.60 4.83
C HIS A 86 -3.89 6.49 3.53
N VAL A 87 -3.35 7.06 2.44
CA VAL A 87 -4.09 7.13 1.17
C VAL A 87 -4.23 5.75 0.51
N PRO A 88 -5.45 5.39 0.07
CA PRO A 88 -5.66 4.04 -0.41
C PRO A 88 -4.91 3.85 -1.69
N VAL A 89 -4.40 2.65 -1.91
CA VAL A 89 -3.60 2.31 -3.10
C VAL A 89 -4.25 1.13 -3.86
N VAL A 90 -4.46 1.32 -5.16
CA VAL A 90 -5.15 0.35 -6.00
C VAL A 90 -4.13 -0.11 -7.00
N LYS A 91 -3.89 -1.42 -7.03
CA LYS A 91 -2.88 -2.07 -7.87
C LYS A 91 -3.53 -2.86 -9.00
N THR A 92 -3.15 -2.59 -10.24
CA THR A 92 -3.81 -3.33 -11.34
C THR A 92 -2.84 -3.73 -12.45
N TRP A 93 -3.00 -4.98 -12.95
CA TRP A 93 -2.16 -5.52 -13.99
C TRP A 93 -2.32 -4.62 -15.19
N ARG A 94 -3.53 -4.03 -15.27
CA ARG A 94 -3.88 -3.15 -16.38
C ARG A 94 -2.93 -1.95 -16.43
N LEU A 95 -2.19 -1.68 -15.36
CA LEU A 95 -1.21 -0.59 -15.44
C LEU A 95 0.21 -1.02 -15.74
N ASN A 96 0.43 -2.33 -15.91
CA ASN A 96 1.78 -2.87 -16.15
C ASN A 96 2.56 -2.26 -17.33
N GLU A 97 3.88 -2.39 -17.28
CA GLU A 97 4.71 -2.22 -18.48
C GLU A 97 4.10 -3.02 -19.65
N ARG A 98 4.31 -2.55 -20.87
CA ARG A 98 4.13 -3.39 -22.06
C ARG A 98 4.91 -4.71 -21.92
N HIS A 99 4.21 -5.82 -22.08
CA HIS A 99 4.78 -7.16 -22.12
C HIS A 99 5.70 -7.37 -23.31
N TYR A 100 6.92 -7.88 -23.10
CA TYR A 100 7.95 -8.09 -24.17
C TYR A 100 8.03 -9.53 -24.79
N GLY A 101 7.02 -10.36 -24.58
CA GLY A 101 6.99 -11.67 -25.23
C GLY A 101 8.14 -12.60 -24.90
N SER A 102 8.67 -13.28 -25.91
CA SER A 102 9.74 -14.22 -25.69
C SER A 102 11.05 -13.49 -25.47
N LEU A 103 11.05 -12.18 -25.74
CA LEU A 103 12.20 -11.31 -25.47
C LEU A 103 12.57 -11.08 -23.99
N GLN A 104 11.61 -11.32 -23.08
CA GLN A 104 11.74 -10.99 -21.65
C GLN A 104 12.91 -11.76 -21.11
N GLY A 105 13.68 -11.11 -20.27
CA GLY A 105 14.85 -11.75 -19.67
C GLY A 105 16.07 -11.80 -20.59
N LEU A 106 15.83 -11.71 -21.91
CA LEU A 106 16.90 -11.76 -22.93
C LEU A 106 17.71 -10.45 -23.14
N ASN A 107 19.00 -10.61 -23.50
CA ASN A 107 19.95 -9.51 -23.66
C ASN A 107 19.80 -8.75 -24.98
N LYS A 108 19.67 -7.42 -24.89
CA LYS A 108 19.36 -6.59 -26.06
C LYS A 108 20.31 -6.82 -27.21
N SER A 109 21.61 -6.84 -26.94
CA SER A 109 22.58 -7.03 -28.03
C SER A 109 22.58 -8.49 -28.54
N GLU A 110 22.59 -9.45 -27.61
CA GLU A 110 22.55 -10.86 -28.00
C GLU A 110 21.28 -11.23 -28.82
N THR A 111 20.23 -10.41 -28.71
CA THR A 111 19.05 -10.60 -29.57
C THR A 111 19.11 -9.78 -30.86
N ALA A 112 19.94 -8.73 -30.86
CA ALA A 112 20.31 -8.04 -32.12
C ALA A 112 21.28 -8.85 -32.97
N LYS A 113 21.73 -9.99 -32.46
CA LYS A 113 22.64 -10.87 -33.19
C LYS A 113 22.05 -12.26 -33.43
N LYS A 114 20.96 -12.57 -32.74
CA LYS A 114 20.21 -13.78 -33.02
C LYS A 114 19.03 -13.50 -33.96
N TYR A 115 18.99 -12.27 -34.48
CA TYR A 115 17.92 -11.72 -35.35
C TYR A 115 18.48 -10.43 -35.96
N GLY A 116 17.87 -9.93 -37.02
CA GLY A 116 18.25 -8.63 -37.56
C GLY A 116 18.31 -7.54 -36.47
N GLU A 117 19.20 -6.57 -36.66
CA GLU A 117 19.23 -5.36 -35.85
C GLU A 117 18.07 -4.44 -36.25
N GLU A 118 17.40 -4.78 -37.35
CA GLU A 118 16.19 -4.05 -37.78
C GLU A 118 14.92 -4.74 -37.32
N GLN A 119 15.03 -6.03 -36.99
CA GLN A 119 13.93 -6.76 -36.36
C GLN A 119 13.66 -6.28 -34.94
N VAL A 120 14.69 -6.28 -34.10
CA VAL A 120 14.60 -5.70 -32.72
C VAL A 120 14.12 -4.24 -32.66
N LYS A 121 14.35 -3.46 -33.72
CA LYS A 121 13.90 -2.07 -33.78
C LYS A 121 12.38 -1.97 -33.98
N ILE A 122 11.87 -2.73 -34.95
CA ILE A 122 10.42 -2.85 -35.14
C ILE A 122 9.70 -3.34 -33.87
N TRP A 123 10.34 -4.27 -33.16
CA TRP A 123 9.71 -4.92 -32.02
C TRP A 123 9.70 -3.98 -30.83
N ARG A 124 10.64 -3.03 -30.88
CA ARG A 124 10.99 -2.15 -29.77
C ARG A 124 10.36 -0.77 -29.97
N ARG A 125 10.37 -0.30 -31.23
CA ARG A 125 10.16 1.12 -31.53
C ARG A 125 8.93 1.38 -32.40
N SER A 126 8.29 0.34 -32.91
CA SER A 126 7.05 0.51 -33.68
C SER A 126 5.82 0.63 -32.76
N TYR A 127 4.61 0.60 -33.34
CA TYR A 127 3.40 0.77 -32.58
C TYR A 127 2.58 -0.49 -32.52
N ASP A 128 2.58 -1.26 -33.60
CA ASP A 128 1.61 -2.35 -33.72
C ASP A 128 2.16 -3.68 -34.23
N ILE A 129 3.47 -3.85 -34.14
CA ILE A 129 4.09 -5.13 -34.47
C ILE A 129 4.78 -5.76 -33.25
N PRO A 130 4.07 -6.68 -32.56
CA PRO A 130 4.50 -7.37 -31.33
C PRO A 130 5.67 -8.35 -31.53
N PRO A 131 6.50 -8.55 -30.50
CA PRO A 131 7.55 -9.55 -30.55
C PRO A 131 6.95 -10.95 -30.44
N PRO A 132 7.74 -12.00 -30.74
CA PRO A 132 7.22 -13.37 -30.71
C PRO A 132 6.52 -13.68 -29.40
N LYS A 133 5.32 -14.23 -29.52
CA LYS A 133 4.44 -14.63 -28.42
C LYS A 133 5.09 -15.70 -27.61
N LEU A 134 4.98 -15.61 -26.27
CA LEU A 134 5.32 -16.74 -25.40
C LEU A 134 4.32 -17.91 -25.55
N ASP A 135 4.79 -19.12 -25.24
CA ASP A 135 3.93 -20.27 -24.94
C ASP A 135 3.41 -20.28 -23.50
N LYS A 136 2.19 -20.78 -23.34
CA LYS A 136 1.57 -20.95 -22.00
C LYS A 136 2.46 -21.72 -21.04
N GLU A 137 3.26 -22.61 -21.60
CA GLU A 137 4.00 -23.63 -20.84
C GLU A 137 5.39 -23.15 -20.46
N ASP A 138 5.81 -22.04 -21.07
CA ASP A 138 6.99 -21.31 -20.68
C ASP A 138 6.84 -20.81 -19.24
N ASN A 139 7.93 -20.74 -18.50
CA ASN A 139 7.82 -20.28 -17.11
C ASN A 139 7.64 -18.79 -16.94
N ARG A 140 7.93 -18.02 -17.99
CA ARG A 140 7.66 -16.57 -18.02
C ARG A 140 6.16 -16.25 -18.25
N TRP A 141 5.34 -17.21 -18.69
CA TRP A 141 3.89 -16.96 -18.79
C TRP A 141 3.44 -16.32 -17.47
N PRO A 142 2.79 -15.13 -17.55
CA PRO A 142 2.26 -14.46 -16.34
C PRO A 142 1.32 -15.37 -15.57
N GLY A 143 0.52 -16.18 -16.27
CA GLY A 143 -0.42 -17.09 -15.63
C GLY A 143 0.10 -18.15 -14.65
N HIS A 144 1.42 -18.28 -14.49
CA HIS A 144 2.04 -19.27 -13.59
C HIS A 144 2.40 -18.56 -12.31
N ASN A 145 2.36 -17.24 -12.38
CA ASN A 145 2.88 -16.38 -11.36
C ASN A 145 1.79 -15.94 -10.40
N VAL A 146 1.91 -16.34 -9.14
CA VAL A 146 0.88 -16.02 -8.12
C VAL A 146 0.45 -14.56 -8.10
N VAL A 147 1.34 -13.65 -8.55
CA VAL A 147 0.98 -12.25 -8.64
C VAL A 147 -0.37 -12.13 -9.36
N TYR A 148 -0.61 -13.04 -10.30
CA TYR A 148 -1.84 -13.02 -11.09
C TYR A 148 -2.79 -14.13 -10.78
N LYS A 149 -2.65 -14.66 -9.57
CA LYS A 149 -3.49 -15.77 -9.07
C LYS A 149 -4.99 -15.45 -9.13
N ASN A 150 -5.31 -14.17 -8.95
CA ASN A 150 -6.67 -13.70 -8.75
C ASN A 150 -7.22 -13.00 -10.01
N VAL A 151 -6.66 -13.37 -11.17
CA VAL A 151 -7.02 -12.76 -12.44
C VAL A 151 -7.18 -13.87 -13.42
N PRO A 152 -8.32 -13.90 -14.15
CA PRO A 152 -8.53 -14.93 -15.13
C PRO A 152 -7.29 -15.02 -15.99
N LYS A 153 -6.76 -16.24 -16.11
CA LYS A 153 -5.49 -16.43 -16.82
C LYS A 153 -5.57 -16.03 -18.27
N ASP A 154 -6.75 -16.10 -18.87
CA ASP A 154 -6.95 -15.66 -20.28
C ASP A 154 -6.92 -14.13 -20.51
N ALA A 155 -6.74 -13.33 -19.46
CA ALA A 155 -6.65 -11.88 -19.61
C ALA A 155 -5.20 -11.48 -19.87
N LEU A 156 -4.28 -12.45 -19.67
CA LEU A 156 -2.85 -12.13 -19.55
C LEU A 156 -2.16 -12.29 -20.89
N PRO A 157 -1.35 -11.30 -21.30
CA PRO A 157 -0.69 -11.41 -22.61
C PRO A 157 0.41 -12.48 -22.68
N PHE A 158 0.52 -13.10 -23.85
CA PHE A 158 1.68 -13.87 -24.26
C PHE A 158 2.72 -12.92 -24.87
N THR A 159 2.28 -11.74 -25.33
CA THR A 159 3.15 -10.74 -25.94
C THR A 159 2.35 -9.45 -26.11
N GLU A 160 3.05 -8.32 -26.12
CA GLU A 160 2.38 -7.07 -26.37
C GLU A 160 3.11 -6.16 -27.34
N CYS A 161 2.33 -5.40 -28.10
CA CYS A 161 2.82 -4.23 -28.78
C CYS A 161 2.14 -3.04 -28.11
N LEU A 162 2.69 -1.85 -28.27
CA LEU A 162 2.15 -0.69 -27.58
C LEU A 162 0.64 -0.55 -27.77
N LYS A 163 0.16 -0.92 -28.95
CA LYS A 163 -1.27 -0.75 -29.20
C LYS A 163 -2.06 -1.66 -28.22
N ASP A 164 -1.61 -2.91 -28.05
CA ASP A 164 -2.19 -3.82 -27.04
C ASP A 164 -2.15 -3.22 -25.64
N THR A 165 -1.04 -2.59 -25.28
CA THR A 165 -0.88 -1.99 -23.96
C THR A 165 -1.92 -0.85 -23.74
N VAL A 166 -2.02 0.03 -24.73
CA VAL A 166 -2.97 1.12 -24.74
C VAL A 166 -4.41 0.55 -24.56
N GLU A 167 -4.76 -0.44 -25.39
CA GLU A 167 -6.09 -1.07 -25.37
C GLU A 167 -6.46 -1.67 -24.01
N ARG A 168 -5.49 -2.25 -23.30
CA ARG A 168 -5.76 -2.83 -22.00
C ARG A 168 -5.65 -1.80 -20.84
N VAL A 169 -4.97 -0.69 -21.09
CA VAL A 169 -4.94 0.43 -20.16
C VAL A 169 -6.26 1.23 -20.14
N LEU A 170 -6.83 1.56 -21.31
CA LEU A 170 -7.98 2.52 -21.39
C LEU A 170 -9.27 2.10 -20.64
N PRO A 171 -9.54 0.78 -20.59
CA PRO A 171 -10.67 0.33 -19.76
C PRO A 171 -10.54 0.74 -18.30
N PHE A 172 -9.30 0.68 -17.80
CA PHE A 172 -9.05 1.03 -16.41
C PHE A 172 -9.18 2.50 -16.16
N TRP A 173 -8.94 3.30 -17.19
CA TRP A 173 -9.07 4.73 -17.06
C TRP A 173 -10.59 5.08 -17.05
N PHE A 174 -11.35 4.54 -18.01
CA PHE A 174 -12.79 4.78 -18.06
C PHE A 174 -13.56 4.21 -16.91
N ASP A 175 -13.14 3.08 -16.38
CA ASP A 175 -13.87 2.49 -15.26
C ASP A 175 -13.44 3.06 -13.93
N HIS A 176 -12.15 3.26 -13.72
CA HIS A 176 -11.75 3.67 -12.41
C HIS A 176 -11.06 5.02 -12.32
N ILE A 177 -9.99 5.24 -13.09
CA ILE A 177 -9.25 6.51 -12.94
C ILE A 177 -10.15 7.72 -13.20
N ALA A 178 -10.86 7.65 -14.31
CA ALA A 178 -11.69 8.77 -14.75
C ALA A 178 -12.91 9.05 -13.88
N PRO A 179 -13.79 8.07 -13.66
CA PRO A 179 -14.76 8.45 -12.59
C PRO A 179 -14.14 9.18 -11.37
N ASP A 180 -13.02 8.72 -10.84
CA ASP A 180 -12.45 9.34 -9.63
C ASP A 180 -12.23 10.86 -9.81
N ILE A 181 -11.48 11.23 -10.87
CA ILE A 181 -11.21 12.63 -11.23
C ILE A 181 -12.53 13.36 -11.33
N LEU A 182 -13.50 12.76 -12.04
CA LEU A 182 -14.88 13.32 -12.19
C LEU A 182 -15.65 13.47 -10.85
N ALA A 183 -15.18 12.78 -9.81
CA ALA A 183 -15.80 12.78 -8.48
C ALA A 183 -15.13 13.77 -7.53
N ASN A 184 -14.27 14.60 -8.09
CA ASN A 184 -13.56 15.63 -7.34
C ASN A 184 -12.43 15.15 -6.43
N LYS A 185 -11.96 13.94 -6.66
CA LYS A 185 -10.76 13.49 -5.97
C LYS A 185 -9.43 13.53 -6.76
N LYS A 186 -8.35 13.86 -6.05
CA LYS A 186 -7.05 14.14 -6.63
C LYS A 186 -6.37 12.79 -6.72
N VAL A 187 -6.03 12.40 -7.95
CA VAL A 187 -5.41 11.11 -8.14
C VAL A 187 -3.96 11.24 -8.65
N MET A 188 -3.08 10.34 -8.18
CA MET A 188 -1.81 10.13 -8.84
C MET A 188 -1.83 8.70 -9.45
N VAL A 189 -1.33 8.60 -10.68
CA VAL A 189 -1.01 7.31 -11.29
C VAL A 189 0.55 7.06 -11.35
N ALA A 190 1.02 6.17 -10.49
CA ALA A 190 2.42 5.77 -10.53
C ALA A 190 2.48 4.46 -11.32
N ALA A 191 2.76 4.52 -12.63
CA ALA A 191 2.83 3.32 -13.45
C ALA A 191 4.15 3.20 -14.25
N HIS A 192 4.06 2.77 -15.50
CA HIS A 192 5.23 2.53 -16.36
C HIS A 192 5.14 3.42 -17.58
N GLY A 193 6.29 3.69 -18.20
CA GLY A 193 6.34 4.59 -19.36
C GLY A 193 5.39 4.20 -20.51
N ASN A 194 5.34 2.92 -20.83
CA ASN A 194 4.43 2.47 -21.87
C ASN A 194 2.94 2.59 -21.50
N SER A 195 2.61 2.25 -20.25
CA SER A 195 1.21 2.35 -19.80
C SER A 195 0.81 3.81 -19.64
N LEU A 196 1.72 4.62 -19.09
CA LEU A 196 1.45 6.07 -19.01
C LEU A 196 1.33 6.70 -20.42
N ARG A 197 2.05 6.15 -21.38
CA ARG A 197 1.94 6.62 -22.75
C ARG A 197 0.60 6.26 -23.36
N GLY A 198 -0.03 5.18 -22.90
CA GLY A 198 -1.39 4.82 -23.35
C GLY A 198 -2.35 5.90 -22.90
N LEU A 199 -2.13 6.34 -21.66
CA LEU A 199 -2.91 7.37 -20.98
C LEU A 199 -2.78 8.75 -21.61
N VAL A 200 -1.57 9.23 -21.86
CA VAL A 200 -1.49 10.52 -22.58
C VAL A 200 -1.91 10.41 -24.04
N LYS A 201 -1.67 9.27 -24.71
CA LYS A 201 -2.19 9.13 -26.07
C LYS A 201 -3.65 9.57 -26.18
N HIS A 202 -4.48 8.99 -25.29
CA HIS A 202 -5.88 9.37 -25.14
C HIS A 202 -6.13 10.82 -24.65
N LEU A 203 -5.44 11.24 -23.60
CA LEU A 203 -5.66 12.57 -23.04
C LEU A 203 -5.35 13.68 -24.05
N ASP A 204 -4.17 13.62 -24.67
CA ASP A 204 -3.75 14.61 -25.65
C ASP A 204 -4.26 14.24 -27.02
N ASN A 205 -4.99 13.13 -27.05
CA ASN A 205 -5.50 12.55 -28.30
C ASN A 205 -4.44 12.55 -29.44
N LEU A 206 -3.31 11.93 -29.12
CA LEU A 206 -2.17 11.78 -30.01
C LEU A 206 -2.40 10.71 -31.10
N SER A 207 -1.95 11.00 -32.31
CA SER A 207 -1.81 9.99 -33.36
C SER A 207 -0.86 8.86 -32.87
N GLU A 208 -0.85 7.74 -33.59
CA GLU A 208 0.20 6.74 -33.46
C GLU A 208 1.57 7.42 -33.54
N ALA A 209 1.81 8.21 -34.58
CA ALA A 209 3.08 8.91 -34.75
C ALA A 209 3.57 9.55 -33.47
N ASP A 210 2.98 10.68 -33.09
CA ASP A 210 3.45 11.45 -31.94
C ASP A 210 3.68 10.67 -30.63
N VAL A 211 2.81 9.71 -30.32
CA VAL A 211 2.92 8.94 -29.09
C VAL A 211 4.16 8.07 -29.04
N LEU A 212 4.62 7.64 -30.21
CA LEU A 212 5.88 6.93 -30.38
C LEU A 212 7.08 7.86 -30.28
N GLU A 213 6.88 9.14 -30.52
CA GLU A 213 8.00 10.08 -30.38
C GLU A 213 8.06 10.57 -28.92
N LEU A 214 7.05 10.20 -28.13
CA LEU A 214 6.98 10.68 -26.77
C LEU A 214 7.82 9.84 -25.80
N ASN A 215 8.83 10.50 -25.21
CA ASN A 215 9.65 9.95 -24.10
C ASN A 215 9.38 10.55 -22.67
N ILE A 216 8.81 9.74 -21.78
CA ILE A 216 8.55 10.18 -20.41
C ILE A 216 9.74 9.85 -19.52
N PRO A 217 10.38 10.88 -18.96
CA PRO A 217 11.54 10.63 -18.09
C PRO A 217 11.14 9.92 -16.78
N THR A 218 12.08 9.21 -16.18
CA THR A 218 11.81 8.46 -14.97
C THR A 218 11.86 9.35 -13.73
N GLY A 219 11.00 9.06 -12.74
CA GLY A 219 11.00 9.82 -11.49
C GLY A 219 10.58 11.28 -11.53
N VAL A 220 9.99 11.74 -12.63
CA VAL A 220 9.54 13.13 -12.75
C VAL A 220 8.01 13.25 -12.82
N PRO A 221 7.39 13.93 -11.83
CA PRO A 221 5.91 14.08 -11.88
C PRO A 221 5.44 14.83 -13.13
N LEU A 222 4.38 14.31 -13.76
CA LEU A 222 3.75 14.95 -14.95
C LEU A 222 2.33 15.40 -14.54
N VAL A 223 2.16 16.70 -14.36
CA VAL A 223 0.89 17.26 -13.93
C VAL A 223 0.03 17.64 -15.14
N TYR A 224 -1.17 17.07 -15.19
CA TYR A 224 -2.19 17.42 -16.16
C TYR A 224 -3.29 18.18 -15.49
N GLU A 225 -3.67 19.28 -16.13
CA GLU A 225 -4.75 20.13 -15.68
C GLU A 225 -5.90 19.87 -16.58
N LEU A 226 -7.00 19.36 -16.07
CA LEU A 226 -8.11 18.93 -16.96
C LEU A 226 -9.39 19.70 -16.72
N ASP A 227 -10.17 19.95 -17.78
CA ASP A 227 -11.47 20.63 -17.63
C ASP A 227 -12.63 19.66 -17.24
N GLU A 228 -13.86 20.18 -17.14
CA GLU A 228 -15.05 19.41 -16.78
C GLU A 228 -15.31 18.18 -17.67
N ASN A 229 -14.81 18.20 -18.91
CA ASN A 229 -14.89 17.05 -19.78
C ASN A 229 -13.57 16.26 -19.82
N LEU A 230 -12.75 16.37 -18.78
CA LEU A 230 -11.41 15.74 -18.72
C LEU A 230 -10.49 15.89 -19.97
N LYS A 231 -10.67 16.97 -20.76
CA LYS A 231 -9.72 17.29 -21.83
C LYS A 231 -8.69 18.27 -21.25
N PRO A 232 -7.39 18.05 -21.52
CA PRO A 232 -6.34 18.87 -20.91
C PRO A 232 -6.51 20.35 -21.20
N ILE A 233 -6.00 21.16 -20.29
CA ILE A 233 -5.91 22.62 -20.44
C ILE A 233 -4.42 22.94 -20.69
N LYS A 234 -3.56 22.29 -19.90
CA LYS A 234 -2.09 22.36 -19.99
C LYS A 234 -1.51 21.15 -19.25
N HIS A 235 -0.20 20.92 -19.41
CA HIS A 235 0.50 19.84 -18.71
C HIS A 235 1.98 20.19 -18.49
N TYR A 236 2.49 19.96 -17.29
CA TYR A 236 3.86 20.39 -16.96
C TYR A 236 4.57 19.45 -16.04
N TYR A 237 5.89 19.40 -16.20
CA TYR A 237 6.78 18.62 -15.35
C TYR A 237 7.20 19.42 -14.15
N LEU A 238 6.96 18.84 -12.97
CA LEU A 238 7.45 19.41 -11.71
C LEU A 238 8.92 19.05 -11.45
N LEU A 239 9.80 19.86 -12.04
CA LEU A 239 11.23 19.81 -11.72
C LEU A 239 11.85 21.17 -11.97
N ASP A 240 13.05 21.39 -11.40
CA ASP A 240 13.83 22.58 -11.69
C ASP A 240 14.38 22.44 -13.11
N SER A 241 14.21 23.48 -13.94
CA SER A 241 14.61 23.49 -15.37
C SER A 241 16.14 23.33 -15.67
N GLU A 242 16.85 22.63 -14.79
CA GLU A 242 18.25 22.25 -15.02
C GLU A 242 18.43 20.73 -14.91
N GLU A 243 17.66 20.12 -14.02
CA GLU A 243 17.62 18.67 -13.95
C GLU A 243 16.74 18.14 -15.05
N LEU A 244 15.61 18.81 -15.30
CA LEU A 244 14.67 18.41 -16.35
C LEU A 244 15.36 18.27 -17.73
N LYS A 245 16.09 19.31 -18.13
CA LYS A 245 16.85 19.28 -19.39
C LYS A 245 17.83 18.09 -19.43
N LYS A 246 18.55 17.89 -18.32
CA LYS A 246 19.45 16.75 -18.16
C LYS A 246 18.64 15.45 -18.23
N LYS A 247 17.59 15.38 -17.42
CA LYS A 247 16.71 14.22 -17.29
C LYS A 247 15.93 13.87 -18.57
N MET A 248 16.07 14.67 -19.63
CA MET A 248 15.33 14.41 -20.85
C MET A 248 16.14 13.59 -21.87
N ASP A 249 16.22 12.27 -21.59
CA ASP A 249 16.83 11.26 -22.48
C ASP A 249 16.41 9.82 -22.10
N THR B 10 -9.97 -28.49 8.84
CA THR B 10 -10.49 -27.53 7.81
C THR B 10 -9.52 -26.34 7.67
N THR B 11 -9.53 -25.69 6.51
CA THR B 11 -8.66 -24.52 6.25
C THR B 11 -9.14 -23.28 6.96
N TYR B 12 -8.76 -22.15 6.38
CA TYR B 12 -8.83 -20.82 6.96
C TYR B 12 -7.70 -20.76 7.99
N THR B 13 -6.69 -19.99 7.61
CA THR B 13 -5.58 -19.64 8.44
C THR B 13 -5.61 -18.11 8.47
N LEU B 14 -5.79 -17.55 9.65
CA LEU B 14 -5.87 -16.12 9.76
C LEU B 14 -4.60 -15.74 10.48
N VAL B 15 -3.83 -14.77 9.94
CA VAL B 15 -2.76 -14.21 10.76
C VAL B 15 -2.98 -12.77 11.20
N LEU B 16 -2.69 -12.53 12.48
CA LEU B 16 -2.70 -11.22 13.11
C LEU B 16 -1.25 -10.84 13.41
N LEU B 17 -0.93 -9.60 13.03
CA LEU B 17 0.34 -8.99 13.31
C LEU B 17 0.11 -7.63 14.00
N ARG B 18 0.68 -7.48 15.21
CA ARG B 18 0.66 -6.20 15.96
C ARG B 18 1.95 -5.41 15.75
N HIS B 19 1.85 -4.15 15.34
CA HIS B 19 3.03 -3.34 15.11
C HIS B 19 4.00 -3.25 16.29
N GLY B 20 5.30 -3.18 15.97
CA GLY B 20 6.33 -2.83 16.95
C GLY B 20 6.20 -1.43 17.52
N GLU B 21 7.09 -1.08 18.43
CA GLU B 21 7.00 0.21 19.13
C GLU B 21 7.03 1.41 18.20
N SER B 22 6.42 2.52 18.60
CA SER B 22 6.56 3.75 17.84
C SER B 22 7.78 4.56 18.39
N THR B 23 8.07 5.76 17.82
CA THR B 23 9.10 6.67 18.41
C THR B 23 8.72 7.20 19.76
N TRP B 24 7.45 7.14 20.11
CA TRP B 24 6.98 7.71 21.37
C TRP B 24 7.04 6.76 22.59
N ASN B 25 7.42 5.48 22.36
CA ASN B 25 7.55 4.48 23.42
C ASN B 25 8.78 4.86 24.22
N LYS B 26 9.78 5.43 23.56
CA LYS B 26 11.02 5.85 24.18
C LYS B 26 10.80 7.10 25.06
N GLU B 27 9.86 7.93 24.64
CA GLU B 27 9.53 9.20 25.28
C GLU B 27 8.41 9.03 26.26
N ASN B 28 7.93 7.81 26.37
CA ASN B 28 6.81 7.51 27.21
C ASN B 28 5.62 8.43 27.02
N LYS B 29 5.34 8.81 25.78
CA LYS B 29 4.17 9.62 25.45
C LYS B 29 3.03 8.71 24.97
N PHE B 30 1.85 8.90 25.53
CA PHE B 30 0.66 8.12 25.18
C PHE B 30 0.26 8.57 23.77
N THR B 31 0.04 7.59 22.90
CA THR B 31 -0.15 7.92 21.51
C THR B 31 -1.60 7.95 21.07
N GLY B 32 -2.33 6.86 21.29
CA GLY B 32 -3.71 6.74 20.82
C GLY B 32 -3.77 6.86 19.32
N TRP B 33 -4.65 7.77 18.85
CA TRP B 33 -4.80 8.09 17.43
C TRP B 33 -3.71 9.04 16.92
N THR B 34 -2.80 9.48 17.79
CA THR B 34 -1.69 10.35 17.33
C THR B 34 -0.86 9.58 16.29
N ASP B 35 -0.83 10.07 15.06
CA ASP B 35 -0.22 9.33 13.98
C ASP B 35 1.30 9.36 14.00
N VAL B 36 1.89 8.61 14.94
CA VAL B 36 3.35 8.63 15.09
C VAL B 36 4.08 7.47 14.32
N PRO B 37 5.27 7.74 13.77
CA PRO B 37 5.96 6.73 12.96
C PRO B 37 6.53 5.56 13.77
N LEU B 38 6.72 4.43 13.08
CA LEU B 38 7.47 3.31 13.67
C LEU B 38 8.83 3.73 14.10
N SER B 39 9.31 3.18 15.21
CA SER B 39 10.69 3.47 15.66
C SER B 39 11.52 2.56 14.76
N GLU B 40 12.85 2.78 14.76
CA GLU B 40 13.69 1.95 13.91
C GLU B 40 13.64 0.51 14.40
N LYS B 41 13.33 0.31 15.69
CA LYS B 41 13.13 -1.02 16.26
C LYS B 41 11.82 -1.61 15.77
N GLY B 42 10.72 -0.86 15.93
CA GLY B 42 9.42 -1.28 15.37
C GLY B 42 9.49 -1.77 13.92
N GLU B 43 10.10 -0.95 13.07
CA GLU B 43 10.44 -1.28 11.71
C GLU B 43 11.06 -2.67 11.57
N GLU B 44 12.06 -2.97 12.39
CA GLU B 44 12.83 -4.19 12.21
C GLU B 44 12.03 -5.45 12.57
N GLU B 45 11.25 -5.34 13.65
CA GLU B 45 10.29 -6.35 14.04
C GLU B 45 9.36 -6.70 12.90
N ALA B 46 8.85 -5.71 12.16
CA ALA B 46 7.97 -5.99 11.03
C ALA B 46 8.67 -6.84 10.00
N ILE B 47 9.97 -6.58 9.80
CA ILE B 47 10.80 -7.34 8.86
C ILE B 47 11.07 -8.78 9.34
N ALA B 48 11.24 -8.96 10.64
CA ALA B 48 11.53 -10.27 11.17
C ALA B 48 10.31 -11.17 10.89
N ALA B 49 9.16 -10.72 11.42
CA ALA B 49 7.83 -11.25 11.12
C ALA B 49 7.69 -11.68 9.66
N GLY B 50 8.17 -10.82 8.75
CA GLY B 50 8.15 -11.07 7.31
C GLY B 50 9.10 -12.18 6.89
N LYS B 51 10.32 -12.17 7.45
CA LYS B 51 11.33 -13.20 7.16
C LYS B 51 10.84 -14.58 7.68
N TYR B 52 10.06 -14.54 8.77
CA TYR B 52 9.50 -15.75 9.36
C TYR B 52 8.29 -16.29 8.58
N LEU B 53 7.38 -15.40 8.17
CA LEU B 53 6.23 -15.82 7.35
C LEU B 53 6.71 -16.47 6.03
N LYS B 54 7.68 -15.85 5.37
CA LYS B 54 8.26 -16.39 4.14
C LYS B 54 8.86 -17.78 4.39
N GLU B 55 9.63 -17.91 5.46
CA GLU B 55 10.34 -19.17 5.73
C GLU B 55 9.37 -20.31 6.01
N LYS B 56 8.14 -20.01 6.43
CA LYS B 56 7.09 -21.06 6.45
C LYS B 56 6.13 -21.01 5.23
N ASN B 57 6.44 -20.21 4.23
CA ASN B 57 5.61 -20.20 3.03
C ASN B 57 4.15 -19.76 3.30
N PHE B 58 3.97 -18.77 4.20
CA PHE B 58 2.70 -18.07 4.36
C PHE B 58 2.47 -17.07 3.23
N LYS B 59 1.34 -17.22 2.56
CA LYS B 59 0.92 -16.29 1.52
C LYS B 59 -0.33 -15.57 2.00
N PHE B 60 -0.62 -14.40 1.44
CA PHE B 60 -1.88 -13.68 1.68
C PHE B 60 -2.50 -13.21 0.36
N ASP B 61 -3.81 -13.28 0.26
CA ASP B 61 -4.53 -12.64 -0.84
C ASP B 61 -4.93 -11.21 -0.49
N VAL B 62 -5.09 -10.89 0.79
CA VAL B 62 -5.45 -9.54 1.18
C VAL B 62 -4.81 -9.11 2.50
N VAL B 63 -4.51 -7.82 2.64
CA VAL B 63 -4.07 -7.27 3.92
C VAL B 63 -5.06 -6.22 4.47
N TYR B 64 -5.35 -6.34 5.77
CA TYR B 64 -6.20 -5.37 6.46
C TYR B 64 -5.42 -4.60 7.47
N THR B 65 -5.62 -3.27 7.51
CA THR B 65 -4.79 -2.42 8.39
C THR B 65 -5.50 -1.14 8.85
N SER B 66 -4.93 -0.40 9.79
CA SER B 66 -5.63 0.79 10.25
C SER B 66 -5.26 1.93 9.32
N VAL B 67 -5.53 3.18 9.73
CA VAL B 67 -5.04 4.32 8.91
C VAL B 67 -3.82 5.01 9.53
N LEU B 68 -3.28 4.42 10.59
CA LEU B 68 -2.12 5.01 11.25
C LEU B 68 -0.89 4.32 10.74
N LYS B 69 0.11 5.11 10.38
CA LYS B 69 1.30 4.61 9.70
C LYS B 69 2.24 3.66 10.47
N ARG B 70 2.15 3.59 11.79
CA ARG B 70 3.01 2.60 12.44
C ARG B 70 2.48 1.19 12.14
N ALA B 71 1.20 1.13 11.77
CA ALA B 71 0.52 -0.09 11.37
C ALA B 71 0.68 -0.35 9.88
N ILE B 72 0.47 0.64 9.04
CA ILE B 72 0.65 0.42 7.60
C ILE B 72 2.12 0.06 7.21
N CYS B 73 3.13 0.67 7.83
CA CYS B 73 4.52 0.28 7.53
C CYS B 73 4.82 -1.16 7.91
N THR B 74 4.15 -1.67 8.94
CA THR B 74 4.33 -3.03 9.39
C THR B 74 3.85 -3.93 8.27
N ALA B 75 2.62 -3.66 7.79
CA ALA B 75 2.07 -4.32 6.57
C ALA B 75 3.09 -4.29 5.45
N TRP B 76 3.48 -3.08 5.06
CA TRP B 76 4.47 -2.87 3.99
C TRP B 76 5.70 -3.74 4.21
N ASN B 77 6.34 -3.63 5.37
CA ASN B 77 7.61 -4.32 5.60
C ASN B 77 7.50 -5.86 5.41
N VAL B 78 6.44 -6.44 5.99
CA VAL B 78 6.12 -7.83 5.84
C VAL B 78 6.00 -8.19 4.36
N LEU B 79 5.21 -7.43 3.60
CA LEU B 79 5.03 -7.72 2.18
C LEU B 79 6.31 -7.55 1.36
N LYS B 80 7.14 -6.56 1.72
CA LYS B 80 8.45 -6.39 1.06
C LYS B 80 9.32 -7.60 1.36
N THR B 81 9.42 -7.92 2.66
CA THR B 81 10.23 -9.08 3.09
C THR B 81 9.76 -10.39 2.52
N ALA B 82 8.45 -10.57 2.33
CA ALA B 82 7.95 -11.87 1.84
C ALA B 82 7.80 -11.89 0.36
N ASP B 83 8.04 -10.72 -0.27
CA ASP B 83 7.90 -10.56 -1.73
C ASP B 83 6.42 -10.77 -2.17
N LEU B 84 5.56 -9.97 -1.54
CA LEU B 84 4.13 -10.00 -1.71
C LEU B 84 3.60 -8.60 -1.92
N LEU B 85 4.43 -7.70 -2.42
CA LEU B 85 4.08 -6.31 -2.71
C LEU B 85 2.81 -6.10 -3.55
N HIS B 86 2.49 -7.07 -4.40
CA HIS B 86 1.33 -6.99 -5.29
C HIS B 86 -0.05 -7.07 -4.58
N VAL B 87 -0.07 -7.51 -3.32
CA VAL B 87 -1.28 -7.81 -2.56
C VAL B 87 -2.03 -6.52 -2.10
N PRO B 88 -3.39 -6.53 -2.25
CA PRO B 88 -4.25 -5.41 -1.91
C PRO B 88 -4.09 -5.04 -0.44
N VAL B 89 -4.17 -3.77 -0.10
CA VAL B 89 -4.00 -3.35 1.27
C VAL B 89 -5.15 -2.37 1.46
N VAL B 90 -5.91 -2.57 2.54
CA VAL B 90 -7.12 -1.86 2.74
C VAL B 90 -7.01 -1.36 4.13
N LYS B 91 -7.16 -0.03 4.25
CA LYS B 91 -6.87 0.70 5.45
C LYS B 91 -8.18 1.32 5.95
N THR B 92 -8.53 0.96 7.19
CA THR B 92 -9.74 1.46 7.81
C THR B 92 -9.50 2.07 9.18
N TRP B 93 -10.32 3.09 9.54
CA TRP B 93 -10.22 3.75 10.87
C TRP B 93 -10.76 2.82 11.92
N ARG B 94 -11.58 1.86 11.51
CA ARG B 94 -12.09 0.86 12.45
C ARG B 94 -10.97 -0.03 13.03
N LEU B 95 -9.77 -0.02 12.48
CA LEU B 95 -8.71 -0.83 13.08
C LEU B 95 -7.68 0.00 13.85
N ASN B 96 -7.93 1.32 13.95
CA ASN B 96 -7.08 2.25 14.69
C ASN B 96 -6.78 1.80 16.11
N GLU B 97 -5.59 2.10 16.64
CA GLU B 97 -5.33 2.00 18.11
C GLU B 97 -6.54 2.55 18.87
N ARG B 98 -6.69 2.11 20.12
CA ARG B 98 -7.76 2.61 20.98
C ARG B 98 -7.35 4.02 21.40
N HIS B 99 -8.32 4.94 21.31
CA HIS B 99 -8.12 6.39 21.46
C HIS B 99 -7.79 6.66 22.89
N TYR B 100 -7.07 7.74 23.16
CA TYR B 100 -6.48 7.93 24.47
C TYR B 100 -6.91 9.29 25.06
N GLY B 101 -7.94 9.88 24.48
CA GLY B 101 -8.53 11.09 25.06
C GLY B 101 -7.49 12.18 25.33
N SER B 102 -7.66 12.88 26.45
CA SER B 102 -6.74 13.95 26.84
C SER B 102 -5.29 13.52 27.07
N LEU B 103 -5.04 12.20 27.12
CA LEU B 103 -3.70 11.69 27.42
C LEU B 103 -2.76 11.80 26.21
N GLN B 104 -3.34 11.93 25.02
CA GLN B 104 -2.56 11.96 23.79
C GLN B 104 -1.59 13.17 23.72
N GLY B 105 -0.30 12.85 23.65
CA GLY B 105 0.75 13.85 23.59
C GLY B 105 1.43 14.01 24.92
N LEU B 106 0.81 13.49 25.98
CA LEU B 106 1.36 13.62 27.33
C LEU B 106 2.20 12.43 27.68
N ASN B 107 3.30 12.66 28.40
CA ASN B 107 4.13 11.55 28.88
C ASN B 107 3.70 11.09 30.25
N LYS B 108 4.05 9.86 30.61
CA LYS B 108 3.69 9.37 31.92
C LYS B 108 3.81 10.50 32.97
N SER B 109 4.94 11.21 33.02
CA SER B 109 5.18 12.25 34.06
C SER B 109 4.07 13.32 34.16
N GLU B 110 3.83 14.05 33.07
CA GLU B 110 2.84 15.14 33.04
C GLU B 110 1.41 14.63 33.28
N THR B 111 1.19 13.36 32.96
CA THR B 111 -0.05 12.64 33.21
C THR B 111 -0.27 12.42 34.73
N ALA B 112 0.77 12.02 35.47
CA ALA B 112 0.72 11.92 36.95
C ALA B 112 0.48 13.29 37.61
N LYS B 113 1.13 14.32 37.06
CA LYS B 113 1.01 15.66 37.57
C LYS B 113 -0.42 16.27 37.40
N LYS B 114 -1.14 15.79 36.39
CA LYS B 114 -2.46 16.31 36.07
C LYS B 114 -3.58 15.56 36.81
N TYR B 115 -3.55 14.23 36.73
CA TYR B 115 -4.66 13.39 37.20
C TYR B 115 -4.32 12.52 38.41
N GLY B 116 -3.03 12.41 38.72
CA GLY B 116 -2.57 11.50 39.77
C GLY B 116 -2.38 10.10 39.21
N GLU B 117 -1.43 9.36 39.77
CA GLU B 117 -1.05 8.08 39.19
C GLU B 117 -2.17 7.04 39.24
N GLU B 118 -3.02 7.15 40.27
CA GLU B 118 -4.23 6.34 40.47
C GLU B 118 -5.28 6.39 39.36
N GLN B 119 -5.67 7.59 38.93
CA GLN B 119 -6.67 7.69 37.86
C GLN B 119 -6.17 7.09 36.56
N VAL B 120 -4.86 7.22 36.29
CA VAL B 120 -4.27 6.76 35.03
C VAL B 120 -4.24 5.24 34.94
N LYS B 121 -3.89 4.57 36.05
CA LYS B 121 -3.99 3.12 36.08
C LYS B 121 -5.39 2.65 35.69
N ILE B 122 -6.42 3.31 36.22
CA ILE B 122 -7.81 3.04 35.84
C ILE B 122 -8.04 3.12 34.32
N TRP B 123 -7.53 4.17 33.69
CA TRP B 123 -7.75 4.41 32.28
C TRP B 123 -6.86 3.51 31.41
N ARG B 124 -5.75 3.07 31.99
CA ARG B 124 -4.88 2.13 31.29
C ARG B 124 -5.32 0.68 31.49
N ARG B 125 -5.90 0.36 32.67
CA ARG B 125 -6.20 -1.03 33.09
C ARG B 125 -7.69 -1.49 33.02
N SER B 126 -8.64 -0.57 32.95
CA SER B 126 -10.07 -0.98 32.86
C SER B 126 -10.53 -1.35 31.45
N TYR B 127 -11.68 -1.97 31.41
CA TYR B 127 -12.36 -2.26 30.15
C TYR B 127 -13.36 -1.12 29.81
N ASP B 128 -13.80 -0.40 30.86
CA ASP B 128 -15.11 0.27 30.95
C ASP B 128 -15.04 1.79 31.07
N ILE B 129 -13.91 2.28 31.54
CA ILE B 129 -13.81 3.64 31.99
C ILE B 129 -12.78 4.39 31.11
N PRO B 130 -13.27 5.15 30.12
CA PRO B 130 -12.38 5.88 29.22
C PRO B 130 -11.60 6.98 29.96
N PRO B 131 -10.48 7.44 29.36
CA PRO B 131 -9.73 8.59 29.83
C PRO B 131 -10.55 9.87 29.61
N PRO B 132 -10.07 11.01 30.15
CA PRO B 132 -10.85 12.24 29.95
C PRO B 132 -11.06 12.57 28.49
N LYS B 133 -12.27 13.02 28.14
CA LYS B 133 -12.68 13.20 26.76
C LYS B 133 -12.34 14.54 26.17
N LEU B 134 -11.99 14.57 24.89
CA LEU B 134 -11.69 15.82 24.19
C LEU B 134 -13.01 16.43 23.76
N ASP B 135 -12.95 17.64 23.20
CA ASP B 135 -14.10 18.20 22.50
C ASP B 135 -13.64 18.96 21.25
N LYS B 136 -14.63 19.38 20.45
CA LYS B 136 -14.39 20.13 19.24
C LYS B 136 -13.52 21.41 19.34
N GLU B 137 -13.30 21.99 20.51
CA GLU B 137 -12.21 23.01 20.65
C GLU B 137 -10.82 22.48 21.04
N ASP B 138 -10.53 21.23 20.70
CA ASP B 138 -9.25 20.60 20.98
C ASP B 138 -8.68 20.18 19.62
N ASN B 139 -7.43 20.54 19.35
CA ASN B 139 -6.84 20.28 18.03
C ASN B 139 -6.40 18.86 17.85
N ARG B 140 -6.56 18.05 18.89
CA ARG B 140 -6.39 16.59 18.82
C ARG B 140 -7.66 15.89 18.34
N TRP B 141 -8.83 16.55 18.42
CA TRP B 141 -10.04 15.92 17.92
C TRP B 141 -9.83 15.38 16.49
N PRO B 142 -10.03 14.05 16.29
CA PRO B 142 -9.91 13.40 14.98
C PRO B 142 -10.72 14.06 13.86
N GLY B 143 -11.87 14.66 14.20
CA GLY B 143 -12.63 15.43 13.22
C GLY B 143 -11.87 16.56 12.54
N HIS B 144 -10.85 17.12 13.19
CA HIS B 144 -10.04 18.17 12.54
C HIS B 144 -9.03 17.59 11.56
N ASN B 145 -8.77 16.30 11.66
CA ASN B 145 -7.65 15.67 10.96
C ASN B 145 -8.14 15.26 9.60
N VAL B 146 -7.59 15.89 8.56
CA VAL B 146 -7.95 15.57 7.18
C VAL B 146 -7.92 14.04 6.92
N VAL B 147 -7.08 13.30 7.64
CA VAL B 147 -7.07 11.84 7.44
C VAL B 147 -8.50 11.21 7.40
N TYR B 148 -9.47 11.89 8.03
CA TYR B 148 -10.84 11.42 8.21
C TYR B 148 -11.87 12.24 7.48
N LYS B 149 -11.44 13.04 6.51
CA LYS B 149 -12.34 13.97 5.83
C LYS B 149 -13.55 13.28 5.18
N ASN B 150 -13.39 11.97 4.88
CA ASN B 150 -14.49 11.09 4.47
C ASN B 150 -15.17 10.24 5.54
N VAL B 151 -15.21 10.68 6.79
CA VAL B 151 -16.00 9.97 7.77
C VAL B 151 -16.90 11.00 8.43
N PRO B 152 -18.23 10.72 8.48
CA PRO B 152 -19.09 11.62 9.22
C PRO B 152 -18.45 11.82 10.59
N LYS B 153 -18.19 13.06 10.95
CA LYS B 153 -17.36 13.41 12.12
C LYS B 153 -17.95 12.83 13.37
N ASP B 154 -19.27 12.68 13.37
CA ASP B 154 -19.97 12.16 14.54
C ASP B 154 -19.80 10.64 14.73
N ALA B 155 -19.00 10.00 13.87
CA ALA B 155 -18.58 8.62 14.04
C ALA B 155 -17.28 8.53 14.84
N LEU B 156 -16.67 9.68 15.14
CA LEU B 156 -15.25 9.75 15.51
C LEU B 156 -15.13 9.96 17.03
N PRO B 157 -14.19 9.25 17.70
CA PRO B 157 -14.22 9.33 19.15
C PRO B 157 -13.67 10.65 19.69
N PHE B 158 -14.22 11.15 20.82
CA PHE B 158 -13.53 12.14 21.70
C PHE B 158 -12.58 11.48 22.78
N THR B 159 -12.81 10.19 23.05
CA THR B 159 -12.00 9.38 23.96
C THR B 159 -12.43 7.92 23.72
N GLU B 160 -11.73 6.95 24.34
CA GLU B 160 -12.10 5.51 24.27
C GLU B 160 -11.63 4.68 25.48
N CYS B 161 -12.41 3.65 25.81
CA CYS B 161 -11.93 2.54 26.65
C CYS B 161 -11.97 1.32 25.74
N LEU B 162 -11.41 0.20 26.21
CA LEU B 162 -11.28 -1.00 25.39
C LEU B 162 -12.59 -1.43 24.78
N LYS B 163 -13.70 -1.29 25.52
CA LYS B 163 -15.03 -1.65 25.04
C LYS B 163 -15.45 -0.83 23.79
N ASP B 164 -15.40 0.50 23.88
CA ASP B 164 -15.59 1.37 22.73
C ASP B 164 -14.81 0.87 21.51
N THR B 165 -13.55 0.51 21.75
CA THR B 165 -12.64 0.02 20.72
C THR B 165 -13.14 -1.29 20.11
N VAL B 166 -13.59 -2.19 20.97
CA VAL B 166 -14.16 -3.47 20.52
C VAL B 166 -15.43 -3.24 19.70
N GLU B 167 -16.27 -2.30 20.14
CA GLU B 167 -17.56 -2.08 19.49
C GLU B 167 -17.44 -1.56 18.08
N ARG B 168 -16.49 -0.65 17.82
CA ARG B 168 -16.28 -0.11 16.48
C ARG B 168 -15.42 -0.98 15.60
N VAL B 169 -14.70 -1.94 16.17
CA VAL B 169 -13.88 -2.86 15.37
C VAL B 169 -14.72 -4.02 14.83
N LEU B 170 -15.70 -4.49 15.58
CA LEU B 170 -16.45 -5.69 15.16
C LEU B 170 -17.25 -5.53 13.86
N PRO B 171 -17.95 -4.38 13.67
CA PRO B 171 -18.56 -4.19 12.33
C PRO B 171 -17.58 -4.46 11.16
N PHE B 172 -16.34 -3.95 11.22
CA PHE B 172 -15.35 -4.27 10.18
C PHE B 172 -15.00 -5.78 10.06
N TRP B 173 -14.91 -6.47 11.21
CA TRP B 173 -14.83 -7.94 11.25
C TRP B 173 -16.03 -8.53 10.50
N PHE B 174 -17.26 -8.18 10.87
CA PHE B 174 -18.43 -8.76 10.22
C PHE B 174 -18.61 -8.33 8.77
N ASP B 175 -18.41 -7.06 8.44
CA ASP B 175 -18.64 -6.61 7.06
C ASP B 175 -17.51 -6.90 6.05
N HIS B 176 -16.26 -7.11 6.48
CA HIS B 176 -15.14 -7.28 5.53
C HIS B 176 -14.15 -8.42 5.85
N ILE B 177 -13.64 -8.46 7.08
CA ILE B 177 -12.60 -9.42 7.38
C ILE B 177 -13.22 -10.82 7.26
N ALA B 178 -14.32 -11.08 7.97
CA ALA B 178 -14.85 -12.43 8.04
C ALA B 178 -15.37 -12.96 6.70
N PRO B 179 -16.10 -12.12 5.92
CA PRO B 179 -16.53 -12.63 4.60
C PRO B 179 -15.38 -12.98 3.64
N ASP B 180 -14.21 -12.35 3.79
CA ASP B 180 -13.03 -12.71 3.01
C ASP B 180 -12.53 -14.07 3.45
N ILE B 181 -12.38 -14.26 4.75
CA ILE B 181 -11.99 -15.58 5.24
C ILE B 181 -12.93 -16.65 4.69
N LEU B 182 -14.21 -16.29 4.57
CA LEU B 182 -15.28 -17.21 4.16
C LEU B 182 -15.26 -17.53 2.67
N ALA B 183 -15.03 -16.50 1.84
CA ALA B 183 -14.49 -16.71 0.48
C ALA B 183 -13.16 -17.32 0.82
N ASN B 184 -12.54 -18.08 -0.04
CA ASN B 184 -11.37 -18.81 0.52
C ASN B 184 -10.04 -17.99 0.57
N LYS B 185 -10.12 -16.74 1.09
CA LYS B 185 -8.97 -15.82 1.08
C LYS B 185 -8.04 -15.88 2.28
N LYS B 186 -6.74 -15.73 2.02
CA LYS B 186 -5.76 -15.60 3.11
C LYS B 186 -5.53 -14.12 3.52
N VAL B 187 -5.89 -13.83 4.76
CA VAL B 187 -5.83 -12.47 5.27
C VAL B 187 -4.87 -12.36 6.41
N MET B 188 -4.10 -11.26 6.41
CA MET B 188 -3.31 -10.82 7.56
C MET B 188 -3.87 -9.49 8.04
N VAL B 189 -4.02 -9.35 9.35
CA VAL B 189 -4.51 -8.12 9.95
C VAL B 189 -3.35 -7.51 10.71
N ALA B 190 -2.77 -6.46 10.16
CA ALA B 190 -1.62 -5.84 10.76
C ALA B 190 -2.20 -4.62 11.43
N ALA B 191 -2.19 -4.57 12.76
CA ALA B 191 -2.83 -3.47 13.47
C ALA B 191 -2.23 -3.28 14.84
N HIS B 192 -3.07 -2.94 15.82
CA HIS B 192 -2.60 -2.50 17.13
C HIS B 192 -3.04 -3.47 18.19
N GLY B 193 -2.32 -3.52 19.30
CA GLY B 193 -2.76 -4.30 20.45
C GLY B 193 -4.25 -4.26 20.73
N ASN B 194 -4.82 -3.06 20.96
CA ASN B 194 -6.22 -3.00 21.41
C ASN B 194 -7.18 -3.42 20.31
N SER B 195 -6.96 -2.93 19.08
CA SER B 195 -7.79 -3.37 17.95
C SER B 195 -7.70 -4.88 17.70
N LEU B 196 -6.51 -5.46 17.88
CA LEU B 196 -6.35 -6.91 17.72
C LEU B 196 -7.06 -7.71 18.84
N ARG B 197 -7.06 -7.17 20.06
CA ARG B 197 -7.68 -7.83 21.20
C ARG B 197 -9.20 -7.87 21.04
N GLY B 198 -9.74 -6.91 20.26
CA GLY B 198 -11.15 -6.84 19.90
C GLY B 198 -11.50 -8.04 19.07
N LEU B 199 -10.68 -8.29 18.04
CA LEU B 199 -10.80 -9.51 17.22
C LEU B 199 -10.78 -10.77 18.08
N VAL B 200 -9.71 -10.93 18.87
CA VAL B 200 -9.52 -12.13 19.69
C VAL B 200 -10.74 -12.34 20.63
N LYS B 201 -11.16 -11.26 21.31
CA LYS B 201 -12.28 -11.36 22.28
C LYS B 201 -13.50 -12.03 21.66
N HIS B 202 -13.72 -11.72 20.39
CA HIS B 202 -14.74 -12.39 19.58
C HIS B 202 -14.37 -13.84 19.26
N LEU B 203 -13.29 -14.00 18.49
CA LEU B 203 -12.80 -15.32 18.07
C LEU B 203 -12.76 -16.39 19.18
N ASP B 204 -12.14 -16.05 20.31
CA ASP B 204 -11.99 -16.98 21.44
C ASP B 204 -13.11 -16.90 22.46
N ASN B 205 -14.16 -16.14 22.15
CA ASN B 205 -15.31 -16.02 23.04
C ASN B 205 -14.96 -15.59 24.50
N LEU B 206 -13.97 -14.70 24.64
CA LEU B 206 -13.43 -14.26 25.94
C LEU B 206 -14.33 -13.31 26.72
N SER B 207 -14.19 -13.31 28.04
CA SER B 207 -14.98 -12.41 28.88
C SER B 207 -14.24 -11.07 28.99
N GLU B 208 -14.89 -10.05 29.57
CA GLU B 208 -14.22 -8.76 29.91
C GLU B 208 -12.95 -8.92 30.74
N ALA B 209 -13.02 -9.85 31.70
CA ALA B 209 -11.88 -10.17 32.53
C ALA B 209 -10.72 -10.86 31.76
N ASP B 210 -11.02 -11.78 30.85
CA ASP B 210 -9.93 -12.44 30.11
C ASP B 210 -9.26 -11.51 29.07
N VAL B 211 -10.07 -10.64 28.48
CA VAL B 211 -9.53 -9.69 27.52
C VAL B 211 -8.49 -8.76 28.15
N LEU B 212 -8.65 -8.45 29.42
CA LEU B 212 -7.69 -7.61 30.16
C LEU B 212 -6.35 -8.32 30.49
N GLU B 213 -6.39 -9.64 30.72
CA GLU B 213 -5.20 -10.39 31.14
C GLU B 213 -4.26 -10.59 29.95
N LEU B 214 -4.74 -10.30 28.76
CA LEU B 214 -4.04 -10.71 27.54
C LEU B 214 -3.20 -9.58 26.98
N ASN B 215 -1.91 -9.81 26.95
CA ASN B 215 -1.01 -8.99 26.13
C ASN B 215 -0.60 -9.73 24.85
N ILE B 216 -0.52 -8.97 23.78
CA ILE B 216 -0.15 -9.50 22.51
C ILE B 216 1.24 -8.95 22.24
N PRO B 217 2.20 -9.85 22.07
CA PRO B 217 3.53 -9.32 21.81
C PRO B 217 3.63 -8.70 20.39
N THR B 218 4.59 -7.79 20.24
CA THR B 218 4.83 -7.06 19.00
C THR B 218 5.83 -7.86 18.11
N GLY B 219 5.54 -7.89 16.80
CA GLY B 219 6.42 -8.43 15.77
C GLY B 219 6.43 -9.95 15.74
N VAL B 220 5.38 -10.55 16.32
CA VAL B 220 5.18 -12.01 16.30
C VAL B 220 3.84 -12.37 15.62
N PRO B 221 3.90 -12.96 14.43
CA PRO B 221 2.64 -13.40 13.83
C PRO B 221 1.82 -14.34 14.75
N LEU B 222 0.54 -14.02 14.95
CA LEU B 222 -0.38 -14.85 15.71
C LEU B 222 -1.28 -15.54 14.73
N VAL B 223 -1.21 -16.86 14.67
CA VAL B 223 -1.90 -17.60 13.63
C VAL B 223 -3.16 -18.25 14.23
N TYR B 224 -4.30 -18.01 13.59
CA TYR B 224 -5.55 -18.74 13.94
C TYR B 224 -5.94 -19.77 12.88
N GLU B 225 -6.19 -21.01 13.31
CA GLU B 225 -6.83 -21.99 12.45
C GLU B 225 -8.27 -22.00 12.84
N LEU B 226 -9.17 -21.89 11.85
CA LEU B 226 -10.61 -21.78 12.10
C LEU B 226 -11.42 -22.89 11.41
N ASP B 227 -12.56 -23.27 11.99
CA ASP B 227 -13.45 -24.21 11.30
C ASP B 227 -14.40 -23.48 10.34
N GLU B 228 -15.23 -24.23 9.60
CA GLU B 228 -16.11 -23.64 8.58
C GLU B 228 -17.09 -22.58 9.11
N ASN B 229 -17.16 -22.41 10.43
CA ASN B 229 -18.04 -21.42 11.03
C ASN B 229 -17.24 -20.29 11.67
N LEU B 230 -15.92 -20.34 11.47
CA LEU B 230 -14.96 -19.35 11.99
C LEU B 230 -14.67 -19.45 13.48
N LYS B 231 -15.05 -20.56 14.09
CA LYS B 231 -14.65 -20.90 15.44
C LYS B 231 -13.20 -21.45 15.38
N PRO B 232 -12.31 -20.89 16.23
CA PRO B 232 -10.92 -21.35 16.25
C PRO B 232 -10.83 -22.85 16.52
N ILE B 233 -9.91 -23.51 15.83
CA ILE B 233 -9.53 -24.85 16.20
C ILE B 233 -8.37 -24.69 17.17
N LYS B 234 -7.47 -23.78 16.83
CA LYS B 234 -6.32 -23.42 17.68
C LYS B 234 -5.66 -22.18 17.12
N HIS B 235 -4.73 -21.65 17.89
CA HIS B 235 -3.95 -20.50 17.50
C HIS B 235 -2.59 -20.62 18.15
N TYR B 236 -1.57 -20.11 17.47
CA TYR B 236 -0.16 -20.19 17.94
C TYR B 236 0.68 -19.06 17.42
N TYR B 237 1.69 -18.71 18.20
CA TYR B 237 2.63 -17.70 17.80
C TYR B 237 3.70 -18.36 16.99
N LEU B 238 3.98 -17.74 15.87
CA LEU B 238 4.87 -18.29 14.89
C LEU B 238 6.24 -17.77 15.19
N LEU B 239 6.76 -18.18 16.35
CA LEU B 239 8.10 -17.80 16.75
C LEU B 239 8.66 -18.75 17.80
N ASP B 240 9.95 -19.10 17.62
CA ASP B 240 10.83 -19.67 18.64
C ASP B 240 10.23 -19.96 20.04
N SER B 241 10.45 -21.18 20.53
CA SER B 241 9.83 -21.70 21.76
C SER B 241 10.02 -20.81 23.01
N GLU B 242 11.17 -20.15 23.14
CA GLU B 242 11.52 -19.37 24.34
C GLU B 242 11.57 -17.87 24.09
N GLU B 243 12.02 -17.49 22.89
CA GLU B 243 12.01 -16.09 22.45
C GLU B 243 10.58 -15.56 22.54
N LEU B 244 9.62 -16.48 22.43
CA LEU B 244 8.19 -16.15 22.59
C LEU B 244 7.82 -15.70 24.00
N LYS B 245 8.44 -16.33 25.00
CA LYS B 245 8.19 -15.94 26.39
C LYS B 245 8.88 -14.61 26.74
N LYS B 246 10.15 -14.50 26.36
CA LYS B 246 11.00 -13.31 26.57
C LYS B 246 10.46 -12.03 25.88
N LYS B 247 9.56 -12.21 24.92
CA LYS B 247 8.97 -11.10 24.16
C LYS B 247 7.63 -10.63 24.77
N MET B 248 7.02 -11.47 25.61
CA MET B 248 5.76 -11.15 26.30
C MET B 248 5.90 -10.08 27.41
N ASP B 249 7.13 -9.88 27.90
CA ASP B 249 7.51 -8.85 28.90
C ASP B 249 6.93 -7.46 28.59
S SCN C . 8.39 4.29 -22.81
C SCN C . 9.18 3.07 -21.64
N SCN C . 8.84 1.89 -20.84
S SCN D . 3.55 2.62 20.84
C SCN D . 1.72 2.45 20.76
N SCN D . 0.58 2.50 20.05
S SCN E . 2.33 4.54 28.10
C SCN E . 3.74 4.80 29.21
N SCN E . 4.75 5.35 29.77
#